data_4R1H
#
_entry.id   4R1H
#
_cell.length_a   54.032
_cell.length_b   68.398
_cell.length_c   84.016
_cell.angle_alpha   90.000
_cell.angle_beta   90.000
_cell.angle_gamma   90.000
#
_symmetry.space_group_name_H-M   'P 21 21 21'
#
loop_
_entity.id
_entity.type
_entity.pdbx_description
1 polymer 'Lmo0741 protein'
2 non-polymer 'ACETATE ION'
3 water water
#
_entity_poly.entity_id   1
_entity_poly.type   'polypeptide(L)'
_entity_poly.pdbx_seq_one_letter_code
;SNA(MSE)KFDDSKPIYKQIVHYIHTEIVTGTYEAGDKLLSVRELATKLEVNPTTIQRAYAELEETEIIYTVRGTGKYLT
EDKRRIEQLENDIAKQLTENFISE(MSE)SKLGINKEKIIAWVKKVEEVEVNVSGK
;
_entity_poly.pdbx_strand_id   A,B
#
# COMPACT_ATOMS: atom_id res chain seq x y z
N PHE A 6 8.56 9.74 7.85
CA PHE A 6 7.24 9.10 8.14
C PHE A 6 6.08 9.83 7.44
N ASP A 7 5.03 9.08 7.12
CA ASP A 7 3.78 9.63 6.55
C ASP A 7 2.87 10.34 7.60
N ASP A 8 2.74 11.66 7.52
CA ASP A 8 1.88 12.37 8.49
C ASP A 8 0.35 12.18 8.24
N SER A 9 -0.01 11.33 7.29
CA SER A 9 -1.41 10.86 7.11
C SER A 9 -1.89 9.73 8.06
N LYS A 10 -0.98 8.96 8.66
CA LYS A 10 -1.30 7.71 9.38
C LYS A 10 -0.62 7.73 10.79
N PRO A 11 -1.14 7.00 11.80
CA PRO A 11 -0.57 7.33 13.09
C PRO A 11 0.94 7.10 13.13
N ILE A 12 1.64 8.00 13.77
CA ILE A 12 3.09 7.86 13.84
C ILE A 12 3.54 6.67 14.69
N TYR A 13 2.93 6.43 15.87
CA TYR A 13 3.39 5.25 16.63
C TYR A 13 3.26 3.95 15.85
N LYS A 14 2.26 3.82 14.99
CA LYS A 14 2.11 2.57 14.25
C LYS A 14 3.24 2.45 13.21
N GLN A 15 3.69 3.59 12.67
CA GLN A 15 4.82 3.56 11.76
C GLN A 15 6.13 3.17 12.42
N ILE A 16 6.28 3.58 13.67
CA ILE A 16 7.42 3.20 14.47
CA ILE A 16 7.41 3.20 14.47
C ILE A 16 7.32 1.73 14.79
N VAL A 17 6.12 1.24 15.15
CA VAL A 17 5.97 -0.19 15.34
C VAL A 17 6.46 -0.93 14.08
N HIS A 18 6.07 -0.44 12.91
CA HIS A 18 6.46 -1.17 11.64
C HIS A 18 7.93 -1.11 11.39
N TYR A 19 8.57 0.02 11.69
CA TYR A 19 10.01 0.17 11.57
C TYR A 19 10.73 -0.84 12.45
N ILE A 20 10.31 -0.97 13.70
CA ILE A 20 10.89 -1.97 14.63
CA ILE A 20 10.91 -1.96 14.61
C ILE A 20 10.65 -3.37 14.14
N HIS A 21 9.41 -3.67 13.70
CA HIS A 21 9.07 -4.95 13.18
C HIS A 21 10.04 -5.29 12.06
N THR A 22 10.31 -4.31 11.16
CA THR A 22 11.27 -4.52 10.06
C THR A 22 12.67 -4.92 10.52
N GLU A 23 13.19 -4.19 11.50
CA GLU A 23 14.51 -4.52 12.11
C GLU A 23 14.54 -5.91 12.75
N ILE A 24 13.42 -6.32 13.32
CA ILE A 24 13.25 -7.63 13.89
C ILE A 24 13.19 -8.77 12.86
N VAL A 25 12.35 -8.63 11.85
CA VAL A 25 12.17 -9.65 10.83
C VAL A 25 13.44 -9.84 10.02
N THR A 26 14.18 -8.78 9.75
CA THR A 26 15.45 -8.89 9.02
C THR A 26 16.63 -9.35 9.89
N GLY A 27 16.46 -9.46 11.21
CA GLY A 27 17.54 -9.94 12.03
C GLY A 27 18.53 -8.85 12.36
N THR A 28 18.18 -7.60 12.10
CA THR A 28 19.02 -6.49 12.55
C THR A 28 19.06 -6.49 14.07
N TYR A 29 17.93 -6.75 14.67
CA TYR A 29 17.87 -7.06 16.08
C TYR A 29 17.75 -8.60 16.12
N GLU A 30 18.64 -9.31 16.82
CA GLU A 30 18.49 -10.77 16.93
CA GLU A 30 18.40 -10.75 16.93
C GLU A 30 17.77 -11.12 18.25
N ALA A 31 17.13 -12.29 18.25
CA ALA A 31 16.30 -12.73 19.33
C ALA A 31 17.08 -12.63 20.61
N GLY A 32 16.47 -12.03 21.61
CA GLY A 32 17.06 -11.88 22.92
C GLY A 32 17.85 -10.60 23.08
N ASP A 33 18.08 -9.86 22.00
CA ASP A 33 18.95 -8.62 22.08
C ASP A 33 18.34 -7.50 22.88
N LYS A 34 19.19 -6.73 23.56
CA LYS A 34 18.80 -5.49 24.21
C LYS A 34 18.45 -4.43 23.15
N LEU A 35 17.35 -3.71 23.37
CA LEU A 35 16.86 -2.71 22.42
C LEU A 35 17.35 -1.34 22.87
N LEU A 36 17.27 -0.37 21.99
CA LEU A 36 17.54 0.99 22.35
C LEU A 36 16.49 1.49 23.36
N SER A 37 16.93 2.35 24.28
CA SER A 37 16.02 3.04 25.22
C SER A 37 15.03 3.93 24.48
N VAL A 38 13.94 4.29 25.14
CA VAL A 38 12.98 5.23 24.55
C VAL A 38 13.72 6.45 24.04
N ARG A 39 14.58 7.02 24.88
CA ARG A 39 15.33 8.22 24.54
C ARG A 39 16.25 8.09 23.32
N GLU A 40 17.06 7.02 23.30
CA GLU A 40 17.95 6.67 22.16
C GLU A 40 17.17 6.55 20.88
N LEU A 41 16.06 5.83 20.92
CA LEU A 41 15.31 5.64 19.70
C LEU A 41 14.66 6.94 19.23
N ALA A 42 14.09 7.70 20.15
CA ALA A 42 13.42 9.00 19.82
C ALA A 42 14.38 9.92 19.08
N THR A 43 15.63 9.90 19.51
CA THR A 43 16.71 10.73 18.91
C THR A 43 17.03 10.23 17.52
N LYS A 44 17.25 8.92 17.42
CA LYS A 44 17.61 8.31 16.16
C LYS A 44 16.55 8.54 15.12
N LEU A 45 15.27 8.38 15.49
CA LEU A 45 14.18 8.62 14.53
C LEU A 45 13.65 10.07 14.49
N GLU A 46 14.18 10.91 15.37
CA GLU A 46 13.74 12.31 15.51
CA GLU A 46 13.74 12.31 15.54
C GLU A 46 12.23 12.35 15.62
N VAL A 47 11.69 11.66 16.63
CA VAL A 47 10.25 11.71 16.93
C VAL A 47 10.13 11.97 18.42
N ASN A 48 8.93 12.36 18.82
CA ASN A 48 8.59 12.56 20.18
C ASN A 48 8.71 11.24 20.94
N PRO A 49 9.44 11.24 22.07
CA PRO A 49 9.57 10.06 22.90
C PRO A 49 8.23 9.43 23.31
N THR A 50 7.15 10.20 23.44
CA THR A 50 5.88 9.62 23.86
C THR A 50 5.38 8.72 22.78
N THR A 51 5.80 8.94 21.52
CA THR A 51 5.42 8.10 20.44
C THR A 51 6.18 6.77 20.50
N ILE A 52 7.41 6.85 20.89
CA ILE A 52 8.20 5.64 21.05
C ILE A 52 7.62 4.82 22.24
N GLN A 53 7.28 5.49 23.33
CA GLN A 53 6.71 4.83 24.47
C GLN A 53 5.51 4.09 24.02
N ARG A 54 4.67 4.70 23.17
CA ARG A 54 3.42 4.02 22.79
C ARG A 54 3.75 2.81 21.92
N ALA A 55 4.73 2.98 21.03
CA ALA A 55 5.15 1.88 20.12
C ALA A 55 5.73 0.70 20.95
N TYR A 56 6.60 1.02 21.91
CA TYR A 56 7.15 0.00 22.83
C TYR A 56 6.04 -0.68 23.62
N ALA A 57 5.03 0.06 24.10
CA ALA A 57 3.88 -0.57 24.75
C ALA A 57 3.14 -1.56 23.92
N GLU A 58 2.89 -1.23 22.65
CA GLU A 58 2.21 -2.11 21.77
C GLU A 58 3.08 -3.36 21.52
N LEU A 59 4.36 -3.15 21.35
CA LEU A 59 5.29 -4.31 21.16
C LEU A 59 5.33 -5.25 22.40
N GLU A 60 5.21 -4.65 23.56
CA GLU A 60 5.20 -5.46 24.79
C GLU A 60 3.88 -6.19 24.92
N GLU A 61 2.77 -5.53 24.63
CA GLU A 61 1.44 -6.17 24.70
CA GLU A 61 1.44 -6.14 24.68
C GLU A 61 1.35 -7.36 23.75
N THR A 62 2.02 -7.28 22.60
CA THR A 62 1.95 -8.35 21.62
C THR A 62 3.06 -9.40 21.79
N GLU A 63 3.80 -9.28 22.89
CA GLU A 63 4.84 -10.25 23.30
C GLU A 63 6.05 -10.27 22.38
N ILE A 64 6.29 -9.15 21.72
CA ILE A 64 7.46 -9.02 20.84
CA ILE A 64 7.45 -9.02 20.85
C ILE A 64 8.67 -8.57 21.64
N ILE A 65 8.44 -7.72 22.64
CA ILE A 65 9.49 -7.27 23.52
C ILE A 65 9.07 -7.44 24.95
N TYR A 66 10.04 -7.33 25.86
CA TYR A 66 9.75 -7.37 27.28
C TYR A 66 10.73 -6.47 28.01
N THR A 67 10.40 -6.19 29.27
CA THR A 67 11.17 -5.23 30.08
C THR A 67 11.75 -5.93 31.26
N VAL A 68 13.03 -5.69 31.51
CA VAL A 68 13.68 -6.12 32.74
C VAL A 68 13.89 -4.77 33.48
N ARG A 69 13.02 -4.45 34.44
CA ARG A 69 13.05 -3.13 35.11
CA ARG A 69 13.04 -3.11 35.07
C ARG A 69 14.46 -2.78 35.56
N GLY A 70 14.87 -1.54 35.27
CA GLY A 70 16.20 -1.06 35.62
C GLY A 70 17.39 -1.71 34.93
N THR A 71 17.14 -2.60 33.96
CA THR A 71 18.19 -3.00 33.02
C THR A 71 17.89 -2.55 31.58
N GLY A 72 16.65 -2.68 31.11
CA GLY A 72 16.32 -2.37 29.72
C GLY A 72 15.17 -3.15 29.10
N LYS A 73 15.09 -3.04 27.77
CA LYS A 73 14.06 -3.69 26.99
C LYS A 73 14.74 -4.61 25.99
N TYR A 74 14.11 -5.75 25.77
CA TYR A 74 14.69 -6.82 25.04
C TYR A 74 13.74 -7.40 24.04
N LEU A 75 14.30 -7.84 22.94
CA LEU A 75 13.57 -8.62 21.98
C LEU A 75 13.31 -10.01 22.45
N THR A 76 12.09 -10.50 22.27
CA THR A 76 11.81 -11.88 22.55
C THR A 76 12.83 -12.85 22.03
N GLU A 77 13.13 -13.90 22.82
CA GLU A 77 14.01 -14.91 22.33
C GLU A 77 13.24 -16.08 21.71
N ASP A 78 11.88 -15.99 21.63
CA ASP A 78 11.06 -17.03 21.13
C ASP A 78 11.06 -16.95 19.59
N LYS A 79 11.72 -17.89 18.95
CA LYS A 79 11.87 -17.82 17.48
C LYS A 79 10.55 -17.98 16.76
N ARG A 80 9.64 -18.81 17.26
CA ARG A 80 8.37 -18.98 16.60
C ARG A 80 7.61 -17.68 16.63
N ARG A 81 7.74 -16.87 17.72
CA ARG A 81 7.00 -15.60 17.77
C ARG A 81 7.45 -14.65 16.66
N ILE A 82 8.73 -14.65 16.40
CA ILE A 82 9.29 -13.77 15.40
C ILE A 82 8.93 -14.30 13.98
N GLU A 83 8.93 -15.61 13.82
CA GLU A 83 8.37 -16.22 12.56
C GLU A 83 6.92 -15.80 12.33
N GLN A 84 6.12 -15.80 13.40
CA GLN A 84 4.70 -15.46 13.27
CA GLN A 84 4.71 -15.43 13.32
C GLN A 84 4.55 -13.98 12.92
N LEU A 85 5.43 -13.12 13.46
CA LEU A 85 5.41 -11.70 13.11
C LEU A 85 5.68 -11.51 11.56
N GLU A 86 6.74 -12.11 11.08
CA GLU A 86 7.02 -12.10 9.62
C GLU A 86 5.81 -12.58 8.82
N ASN A 87 5.21 -13.66 9.24
CA ASN A 87 4.07 -14.29 8.51
C ASN A 87 2.90 -13.32 8.48
N ASP A 88 2.57 -12.76 9.61
CA ASP A 88 1.49 -11.78 9.72
C ASP A 88 1.69 -10.56 8.78
N ILE A 89 2.90 -10.01 8.73
CA ILE A 89 3.15 -8.84 7.97
C ILE A 89 3.13 -9.16 6.47
N ALA A 90 3.79 -10.24 6.13
CA ALA A 90 3.85 -10.68 4.71
C ALA A 90 2.43 -11.04 4.22
N LYS A 91 1.65 -11.73 5.03
CA LYS A 91 0.29 -12.08 4.63
C LYS A 91 -0.55 -10.88 4.30
N GLN A 92 -0.49 -9.85 5.15
CA GLN A 92 -1.25 -8.66 4.92
CA GLN A 92 -1.25 -8.64 4.91
C GLN A 92 -0.79 -7.90 3.65
N LEU A 93 0.50 -7.80 3.46
CA LEU A 93 1.00 -7.18 2.28
C LEU A 93 0.55 -7.92 1.02
N THR A 94 0.63 -9.21 1.04
CA THR A 94 0.27 -10.06 -0.10
C THR A 94 -1.26 -10.00 -0.34
N GLU A 95 -2.09 -10.10 0.70
CA GLU A 95 -3.54 -10.01 0.52
C GLU A 95 -3.91 -8.66 -0.09
N ASN A 96 -3.30 -7.57 0.40
CA ASN A 96 -3.62 -6.25 -0.12
C ASN A 96 -3.23 -6.11 -1.61
N PHE A 97 -2.05 -6.61 -1.95
CA PHE A 97 -1.56 -6.59 -3.33
C PHE A 97 -2.48 -7.39 -4.26
N ILE A 98 -2.70 -8.63 -3.91
CA ILE A 98 -3.63 -9.45 -4.70
C ILE A 98 -4.99 -8.75 -4.84
N SER A 99 -5.56 -8.19 -3.76
CA SER A 99 -6.83 -7.50 -3.87
C SER A 99 -6.80 -6.35 -4.89
N GLU A 100 -5.78 -5.51 -4.80
CA GLU A 100 -5.71 -4.36 -5.68
C GLU A 100 -5.53 -4.80 -7.15
N SER A 102 -6.46 -7.69 -8.41
CA SER A 102 -7.68 -8.41 -8.76
C SER A 102 -8.75 -7.42 -9.17
N LYS A 103 -8.86 -6.32 -8.47
CA LYS A 103 -9.81 -5.26 -8.82
C LYS A 103 -9.63 -4.69 -10.19
N LEU A 104 -8.41 -4.74 -10.70
CA LEU A 104 -8.09 -4.29 -12.04
C LEU A 104 -8.44 -5.36 -13.09
N GLY A 105 -8.92 -6.53 -12.64
CA GLY A 105 -9.21 -7.61 -13.57
C GLY A 105 -8.03 -8.42 -13.97
N ILE A 106 -6.93 -8.38 -13.19
CA ILE A 106 -5.72 -9.13 -13.47
C ILE A 106 -5.78 -10.40 -12.73
N ASN A 107 -5.76 -11.54 -13.44
CA ASN A 107 -5.89 -12.84 -12.82
C ASN A 107 -4.63 -13.33 -12.16
N LYS A 108 -4.76 -14.37 -11.34
CA LYS A 108 -3.62 -14.79 -10.50
C LYS A 108 -2.39 -15.10 -11.34
N GLU A 109 -2.57 -15.82 -12.45
CA GLU A 109 -1.44 -16.10 -13.28
C GLU A 109 -0.74 -14.86 -13.75
N LYS A 110 -1.49 -13.85 -14.13
CA LYS A 110 -0.86 -12.63 -14.61
CA LYS A 110 -0.90 -12.58 -14.62
C LYS A 110 -0.25 -11.80 -13.48
N ILE A 111 -0.80 -11.91 -12.27
CA ILE A 111 -0.19 -11.29 -11.07
C ILE A 111 1.19 -11.90 -10.82
N ILE A 112 1.29 -13.24 -10.90
CA ILE A 112 2.55 -13.94 -10.76
C ILE A 112 3.52 -13.49 -11.82
N ALA A 113 3.06 -13.35 -13.07
CA ALA A 113 3.92 -12.90 -14.16
C ALA A 113 4.48 -11.49 -13.90
N TRP A 114 3.65 -10.61 -13.36
CA TRP A 114 4.07 -9.23 -12.99
C TRP A 114 5.18 -9.26 -11.97
N VAL A 115 4.98 -10.06 -10.92
CA VAL A 115 5.97 -10.18 -9.85
C VAL A 115 7.29 -10.67 -10.39
N LYS A 116 7.23 -11.64 -11.29
CA LYS A 116 8.46 -12.16 -11.92
C LYS A 116 9.17 -11.18 -12.83
N LYS A 117 8.44 -10.32 -13.52
CA LYS A 117 9.03 -9.46 -14.53
C LYS A 117 9.52 -8.14 -13.97
N VAL A 118 9.07 -7.74 -12.78
CA VAL A 118 9.33 -6.40 -12.32
C VAL A 118 10.73 -6.12 -11.85
N GLU A 119 11.34 -5.19 -12.58
CA GLU A 119 12.57 -4.51 -12.25
C GLU A 119 12.45 -3.90 -10.83
N GLU A 120 13.35 -4.33 -9.95
CA GLU A 120 13.15 -4.08 -8.54
C GLU A 120 13.97 -2.85 -8.09
N VAL A 121 13.29 -1.87 -7.51
CA VAL A 121 13.82 -0.50 -7.40
C VAL A 121 14.06 -0.05 -5.95
N PHE B 6 -15.92 5.20 -0.22
CA PHE B 6 -14.52 5.79 -0.21
C PHE B 6 -13.88 5.99 1.16
N ASP B 7 -12.56 5.86 1.22
CA ASP B 7 -11.77 5.95 2.45
C ASP B 7 -11.78 7.36 3.01
N ASP B 8 -12.39 7.48 4.19
CA ASP B 8 -12.46 8.70 5.02
C ASP B 8 -11.24 9.63 5.06
N SER B 9 -10.05 9.05 5.11
CA SER B 9 -8.83 9.82 5.37
C SER B 9 -8.22 10.48 4.12
N LYS B 10 -8.06 9.75 3.00
CA LYS B 10 -7.42 10.35 1.80
C LYS B 10 -8.34 11.25 0.94
N PRO B 11 -7.74 12.18 0.13
CA PRO B 11 -8.68 13.01 -0.64
C PRO B 11 -9.57 12.22 -1.62
N ILE B 12 -10.81 12.66 -1.71
CA ILE B 12 -11.79 11.93 -2.47
C ILE B 12 -11.43 11.96 -3.97
N TYR B 13 -10.89 13.08 -4.49
CA TYR B 13 -10.70 13.19 -5.95
C TYR B 13 -9.70 12.16 -6.44
N LYS B 14 -8.72 11.79 -5.60
CA LYS B 14 -7.72 10.82 -5.97
C LYS B 14 -8.35 9.39 -6.06
N GLN B 15 -9.32 9.17 -5.17
CA GLN B 15 -9.99 7.89 -5.12
C GLN B 15 -10.95 7.82 -6.34
N ILE B 16 -11.49 8.93 -6.77
CA ILE B 16 -12.35 8.99 -8.00
C ILE B 16 -11.51 8.69 -9.23
N VAL B 17 -10.31 9.28 -9.30
CA VAL B 17 -9.43 9.00 -10.41
C VAL B 17 -9.18 7.50 -10.46
N HIS B 18 -8.86 6.89 -9.29
CA HIS B 18 -8.54 5.48 -9.31
C HIS B 18 -9.79 4.61 -9.66
N TYR B 19 -10.94 5.05 -9.19
CA TYR B 19 -12.22 4.38 -9.51
C TYR B 19 -12.45 4.35 -11.05
N ILE B 20 -12.24 5.47 -11.70
CA ILE B 20 -12.40 5.53 -13.16
CA ILE B 20 -12.39 5.56 -13.17
C ILE B 20 -11.30 4.75 -13.87
N HIS B 21 -10.05 4.85 -13.39
CA HIS B 21 -8.99 4.05 -13.91
C HIS B 21 -9.35 2.53 -13.87
N THR B 22 -9.95 2.11 -12.79
CA THR B 22 -10.30 0.72 -12.59
C THR B 22 -11.42 0.28 -13.57
N GLU B 23 -12.40 1.15 -13.78
CA GLU B 23 -13.41 0.90 -14.81
C GLU B 23 -12.82 0.79 -16.17
N ILE B 24 -11.80 1.54 -16.48
CA ILE B 24 -11.14 1.45 -17.78
C ILE B 24 -10.34 0.16 -17.91
N VAL B 25 -9.50 -0.14 -16.90
CA VAL B 25 -8.58 -1.26 -16.99
C VAL B 25 -9.37 -2.59 -17.04
N THR B 26 -10.48 -2.69 -16.30
CA THR B 26 -11.31 -3.85 -16.31
C THR B 26 -12.14 -4.00 -17.58
N GLY B 27 -12.10 -2.96 -18.42
CA GLY B 27 -12.92 -2.94 -19.64
C GLY B 27 -14.39 -2.70 -19.44
N THR B 28 -14.74 -2.14 -18.28
CA THR B 28 -16.10 -1.71 -18.08
C THR B 28 -16.47 -0.71 -19.18
N TYR B 29 -15.56 0.17 -19.44
CA TYR B 29 -15.58 1.08 -20.61
C TYR B 29 -14.59 0.53 -21.61
N GLU B 30 -15.00 0.50 -22.90
CA GLU B 30 -14.12 0.20 -23.98
C GLU B 30 -13.70 1.52 -24.66
N ALA B 31 -12.58 1.44 -25.35
CA ALA B 31 -11.99 2.57 -26.04
C ALA B 31 -13.07 3.33 -26.82
N GLY B 32 -13.14 4.65 -26.61
CA GLY B 32 -14.14 5.50 -27.33
C GLY B 32 -15.49 5.64 -26.63
N ASP B 33 -15.73 4.87 -25.53
CA ASP B 33 -17.05 4.92 -24.93
C ASP B 33 -17.33 6.24 -24.26
N LYS B 34 -18.62 6.64 -24.26
CA LYS B 34 -19.02 7.82 -23.55
C LYS B 34 -19.09 7.52 -22.04
N LEU B 35 -18.52 8.43 -21.28
CA LEU B 35 -18.47 8.35 -19.80
C LEU B 35 -19.68 9.04 -19.24
N LEU B 36 -19.95 8.82 -17.95
CA LEU B 36 -20.95 9.59 -17.31
C LEU B 36 -20.63 11.06 -17.26
N SER B 37 -21.67 11.88 -17.25
CA SER B 37 -21.43 13.34 -17.12
C SER B 37 -20.95 13.64 -15.68
N VAL B 38 -20.40 14.84 -15.44
CA VAL B 38 -20.04 15.23 -14.07
C VAL B 38 -21.19 15.04 -13.08
N ARG B 39 -22.37 15.54 -13.43
CA ARG B 39 -23.54 15.44 -12.56
CA ARG B 39 -23.58 15.43 -12.61
C ARG B 39 -24.00 14.01 -12.35
N GLU B 40 -24.02 13.20 -13.42
CA GLU B 40 -24.39 11.80 -13.31
C GLU B 40 -23.47 11.03 -12.40
N LEU B 41 -22.15 11.20 -12.55
CA LEU B 41 -21.25 10.48 -11.66
C LEU B 41 -21.31 10.97 -10.22
N ALA B 42 -21.41 12.30 -10.02
CA ALA B 42 -21.51 12.88 -8.67
C ALA B 42 -22.72 12.29 -7.96
N THR B 43 -23.83 12.20 -8.70
CA THR B 43 -25.05 11.63 -8.13
C THR B 43 -24.85 10.18 -7.82
N LYS B 44 -24.31 9.42 -8.77
CA LYS B 44 -24.11 7.98 -8.55
C LYS B 44 -23.28 7.68 -7.33
N LEU B 45 -22.22 8.45 -7.13
CA LEU B 45 -21.27 8.17 -6.08
C LEU B 45 -21.58 8.95 -4.82
N GLU B 46 -22.55 9.85 -4.87
CA GLU B 46 -22.85 10.72 -3.72
C GLU B 46 -21.61 11.57 -3.32
N VAL B 47 -21.03 12.23 -4.32
CA VAL B 47 -19.80 12.99 -4.15
C VAL B 47 -20.06 14.37 -4.75
N ASN B 48 -19.33 15.37 -4.26
CA ASN B 48 -19.50 16.70 -4.77
C ASN B 48 -19.14 16.79 -6.27
N PRO B 49 -19.97 17.42 -7.08
CA PRO B 49 -19.69 17.62 -8.50
C PRO B 49 -18.34 18.30 -8.78
N THR B 50 -17.96 19.18 -7.87
CA THR B 50 -16.64 19.77 -7.94
C THR B 50 -15.48 18.75 -7.91
N THR B 51 -15.62 17.74 -7.06
CA THR B 51 -14.66 16.71 -6.89
C THR B 51 -14.60 15.91 -8.19
N ILE B 52 -15.77 15.62 -8.76
CA ILE B 52 -15.81 14.89 -10.03
C ILE B 52 -15.16 15.70 -11.14
N GLN B 53 -15.45 16.99 -11.21
CA GLN B 53 -14.83 17.83 -12.24
C GLN B 53 -13.30 17.82 -12.10
N ARG B 54 -12.81 17.87 -10.87
CA ARG B 54 -11.37 17.82 -10.60
C ARG B 54 -10.74 16.50 -11.07
N ALA B 55 -11.42 15.36 -10.77
CA ALA B 55 -10.92 14.08 -11.19
C ALA B 55 -10.94 13.99 -12.72
N TYR B 56 -12.02 14.47 -13.34
CA TYR B 56 -12.14 14.46 -14.83
C TYR B 56 -11.02 15.35 -15.50
N ALA B 57 -10.70 16.45 -14.83
CA ALA B 57 -9.62 17.34 -15.28
C ALA B 57 -8.29 16.64 -15.29
N GLU B 58 -8.02 15.82 -14.27
CA GLU B 58 -6.80 15.07 -14.21
C GLU B 58 -6.75 14.01 -15.32
N LEU B 59 -7.86 13.33 -15.49
CA LEU B 59 -7.96 12.30 -16.54
C LEU B 59 -7.80 12.89 -17.96
N GLU B 60 -8.24 14.12 -18.16
CA GLU B 60 -8.10 14.72 -19.46
C GLU B 60 -6.68 15.23 -19.70
N GLU B 61 -6.05 15.76 -18.67
CA GLU B 61 -4.64 16.24 -18.77
C GLU B 61 -3.69 15.08 -19.08
N THR B 62 -4.01 13.87 -18.60
CA THR B 62 -3.21 12.69 -18.81
C THR B 62 -3.64 11.91 -20.11
N GLU B 63 -4.52 12.50 -20.89
CA GLU B 63 -4.92 12.00 -22.21
C GLU B 63 -5.66 10.67 -22.11
N ILE B 64 -6.34 10.47 -21.00
CA ILE B 64 -7.22 9.32 -20.84
CA ILE B 64 -7.21 9.30 -20.83
C ILE B 64 -8.62 9.54 -21.36
N ILE B 65 -9.14 10.73 -21.13
CA ILE B 65 -10.46 11.13 -21.58
C ILE B 65 -10.36 12.44 -22.34
N TYR B 66 -11.38 12.64 -23.16
CA TYR B 66 -11.56 13.87 -24.02
C TYR B 66 -12.95 14.45 -23.78
N THR B 67 -13.03 15.79 -23.75
CA THR B 67 -14.28 16.49 -23.64
C THR B 67 -14.74 16.86 -25.04
N VAL B 68 -16.01 16.60 -25.32
CA VAL B 68 -16.64 17.04 -26.58
C VAL B 68 -17.66 18.11 -26.12
N ARG B 69 -17.26 19.38 -26.25
CA ARG B 69 -18.05 20.55 -25.76
CA ARG B 69 -18.04 20.48 -25.67
C ARG B 69 -19.53 20.35 -26.02
N GLY B 70 -20.36 20.44 -25.00
CA GLY B 70 -21.77 20.39 -25.20
C GLY B 70 -22.35 19.05 -25.35
N THR B 71 -21.53 18.00 -25.39
CA THR B 71 -22.05 16.64 -25.57
C THR B 71 -21.67 15.74 -24.38
N GLY B 72 -20.40 15.78 -23.99
CA GLY B 72 -19.91 14.93 -22.90
C GLY B 72 -18.44 14.59 -22.92
N LYS B 73 -18.09 13.54 -22.16
CA LYS B 73 -16.71 13.12 -22.07
C LYS B 73 -16.62 11.72 -22.58
N TYR B 74 -15.55 11.44 -23.29
CA TYR B 74 -15.34 10.18 -23.91
C TYR B 74 -13.98 9.58 -23.48
N LEU B 75 -13.93 8.26 -23.29
CA LEU B 75 -12.68 7.52 -23.15
C LEU B 75 -11.88 7.61 -24.43
N THR B 76 -10.60 7.85 -24.28
CA THR B 76 -9.72 7.75 -25.41
C THR B 76 -10.03 6.61 -26.37
N GLU B 77 -9.91 6.89 -27.69
CA GLU B 77 -9.94 5.82 -28.71
C GLU B 77 -8.65 5.07 -28.85
N ASP B 78 -7.57 5.59 -28.25
CA ASP B 78 -6.24 5.06 -28.43
C ASP B 78 -6.05 3.86 -27.50
N LYS B 79 -6.07 2.68 -28.12
CA LYS B 79 -5.87 1.45 -27.35
C LYS B 79 -4.49 1.36 -26.72
N ARG B 80 -3.48 2.01 -27.29
CA ARG B 80 -2.16 2.01 -26.68
CA ARG B 80 -2.14 2.03 -26.70
C ARG B 80 -2.11 2.79 -25.38
N ARG B 81 -2.91 3.85 -25.31
CA ARG B 81 -2.99 4.66 -24.11
C ARG B 81 -3.64 3.92 -22.97
N ILE B 82 -4.64 3.11 -23.29
CA ILE B 82 -5.29 2.27 -22.33
C ILE B 82 -4.35 1.14 -21.83
N GLU B 83 -3.62 0.53 -22.77
CA GLU B 83 -2.62 -0.48 -22.42
C GLU B 83 -1.56 0.16 -21.49
N GLN B 84 -1.13 1.40 -21.80
CA GLN B 84 -0.13 2.09 -20.99
C GLN B 84 -0.69 2.36 -19.59
N LEU B 85 -1.97 2.69 -19.49
CA LEU B 85 -2.57 2.90 -18.18
C LEU B 85 -2.54 1.64 -17.31
N GLU B 86 -2.95 0.52 -17.89
CA GLU B 86 -2.88 -0.76 -17.14
C GLU B 86 -1.48 -1.06 -16.72
N ASN B 87 -0.54 -0.97 -17.66
CA ASN B 87 0.89 -1.21 -17.34
C ASN B 87 1.41 -0.32 -16.27
N ASP B 88 1.09 0.97 -16.30
CA ASP B 88 1.60 1.90 -15.32
C ASP B 88 1.07 1.59 -13.89
N ILE B 89 -0.22 1.29 -13.83
CA ILE B 89 -0.85 1.01 -12.56
C ILE B 89 -0.31 -0.30 -11.97
N ALA B 90 -0.29 -1.34 -12.80
CA ALA B 90 0.16 -2.70 -12.33
C ALA B 90 1.64 -2.64 -11.95
N LYS B 91 2.43 -1.91 -12.72
CA LYS B 91 3.86 -1.86 -12.43
C LYS B 91 4.10 -1.18 -11.08
N GLN B 92 3.39 -0.09 -10.80
CA GLN B 92 3.56 0.59 -9.54
C GLN B 92 3.08 -0.22 -8.38
N LEU B 93 1.95 -0.92 -8.52
CA LEU B 93 1.49 -1.74 -7.42
C LEU B 93 2.57 -2.86 -7.13
N THR B 94 3.06 -3.43 -8.20
CA THR B 94 4.01 -4.55 -8.08
C THR B 94 5.35 -4.05 -7.52
N GLU B 95 5.89 -2.97 -8.07
CA GLU B 95 7.12 -2.42 -7.50
C GLU B 95 6.98 -2.15 -6.01
N ASN B 96 5.87 -1.49 -5.61
CA ASN B 96 5.68 -1.18 -4.23
C ASN B 96 5.62 -2.44 -3.36
N PHE B 97 4.88 -3.43 -3.81
CA PHE B 97 4.80 -4.71 -3.10
C PHE B 97 6.15 -5.36 -2.93
N ILE B 98 6.90 -5.49 -4.03
CA ILE B 98 8.23 -6.15 -3.97
C ILE B 98 9.12 -5.34 -3.02
N SER B 99 9.03 -4.01 -3.07
CA SER B 99 9.80 -3.14 -2.19
CA SER B 99 9.83 -3.17 -2.19
C SER B 99 9.50 -3.43 -0.74
N GLU B 100 8.22 -3.50 -0.39
CA GLU B 100 7.86 -3.72 0.95
C GLU B 100 8.27 -5.12 1.47
N SER B 102 10.75 -6.90 0.25
CA SER B 102 12.23 -6.88 0.27
C SER B 102 12.73 -6.24 1.54
N LYS B 103 12.04 -5.25 2.03
CA LYS B 103 12.43 -4.62 3.30
C LYS B 103 12.34 -5.53 4.47
N LEU B 104 11.55 -6.59 4.40
CA LEU B 104 11.44 -7.60 5.43
C LEU B 104 12.47 -8.75 5.21
N GLY B 105 13.29 -8.62 4.19
CA GLY B 105 14.30 -9.65 3.86
C GLY B 105 13.80 -10.79 2.99
N ILE B 106 12.59 -10.70 2.42
CA ILE B 106 12.00 -11.84 1.75
C ILE B 106 12.45 -11.78 0.31
N ASN B 107 13.09 -12.86 -0.14
CA ASN B 107 13.66 -12.89 -1.52
C ASN B 107 12.58 -13.10 -2.55
N LYS B 108 12.96 -13.00 -3.82
CA LYS B 108 11.96 -13.04 -4.85
C LYS B 108 11.23 -14.37 -4.91
N GLU B 109 11.99 -15.48 -4.78
CA GLU B 109 11.36 -16.78 -4.77
C GLU B 109 10.30 -16.94 -3.68
N LYS B 110 10.56 -16.40 -2.52
CA LYS B 110 9.63 -16.48 -1.40
C LYS B 110 8.43 -15.49 -1.57
N ILE B 111 8.70 -14.40 -2.24
CA ILE B 111 7.63 -13.45 -2.64
C ILE B 111 6.65 -14.18 -3.55
N ILE B 112 7.16 -14.84 -4.55
CA ILE B 112 6.34 -15.61 -5.48
C ILE B 112 5.57 -16.68 -4.73
N ALA B 113 6.26 -17.39 -3.81
CA ALA B 113 5.57 -18.34 -2.94
C ALA B 113 4.34 -17.75 -2.20
N TRP B 114 4.55 -16.59 -1.59
CA TRP B 114 3.46 -15.89 -0.91
C TRP B 114 2.26 -15.60 -1.88
N VAL B 115 2.59 -15.09 -3.06
CA VAL B 115 1.53 -14.72 -4.03
C VAL B 115 0.78 -15.95 -4.47
N LYS B 116 1.49 -17.08 -4.69
CA LYS B 116 0.82 -18.32 -5.04
C LYS B 116 -0.07 -18.84 -3.96
N LYS B 117 0.37 -18.71 -2.72
CA LYS B 117 -0.35 -19.25 -1.59
C LYS B 117 -1.62 -18.51 -1.30
N VAL B 118 -1.56 -17.19 -1.32
CA VAL B 118 -2.67 -16.39 -0.86
C VAL B 118 -3.86 -16.35 -1.85
N GLU B 119 -5.06 -16.70 -1.39
CA GLU B 119 -6.21 -16.70 -2.36
C GLU B 119 -6.86 -15.31 -2.53
#